data_5NON
#
_entry.id   5NON
#
_cell.length_a   38.310
_cell.length_b   110.218
_cell.length_c   136.902
_cell.angle_alpha   90.00
_cell.angle_beta   90.00
_cell.angle_gamma   90.00
#
_symmetry.space_group_name_H-M   'P 2 21 21'
#
loop_
_entity.id
_entity.type
_entity.pdbx_description
1 polymer 'S-norcoclaurine synthase'
2 non-polymer 4-[2-[2-(4-methoxyphenyl)ethylamino]ethyl]benzene-1,2-diol
3 water water
#
_entity_poly.entity_id   1
_entity_poly.type   'polypeptide(L)'
_entity_poly.pdbx_seq_one_letter_code
;SMGIINQVSTVTKVIHHELEVAASADDIWTVYSWPGLAKHLPDLLPGAFEKLEIIGDGGVGTILDMTFVPGEFPHEYKEK
FILVDNEHRLKKVQMIEGGYLDLGVTYYMDTIHVVPTGKDSCVIKSSTEYHVKPEFVKIVEPLITTGPLAAMADAISKLV
LEHKS
;
_entity_poly.pdbx_strand_id   A,B,C
#
# COMPACT_ATOMS: atom_id res chain seq x y z
N SER A 9 47.94 3.31 -8.65
CA SER A 9 47.27 3.30 -7.33
C SER A 9 45.97 4.06 -7.37
N THR A 10 45.12 3.64 -6.46
CA THR A 10 43.97 4.38 -6.04
C THR A 10 43.93 4.40 -4.51
N VAL A 11 43.05 5.20 -3.97
CA VAL A 11 42.75 5.25 -2.55
C VAL A 11 41.33 4.65 -2.33
N THR A 12 41.05 3.92 -1.23
CA THR A 12 39.71 3.28 -1.04
C THR A 12 39.00 4.08 -0.01
N LYS A 13 37.78 4.49 -0.29
CA LYS A 13 36.93 5.19 0.69
C LYS A 13 35.66 4.42 0.92
N VAL A 14 35.20 4.38 2.16
CA VAL A 14 33.96 3.64 2.49
C VAL A 14 33.13 4.54 3.36
N ILE A 15 31.88 4.83 2.96
CA ILE A 15 30.96 5.65 3.77
C ILE A 15 29.72 4.83 4.13
N HIS A 16 29.12 5.16 5.28
CA HIS A 16 28.09 4.22 5.88
C HIS A 16 26.89 5.03 6.32
N HIS A 17 25.68 4.45 6.28
CA HIS A 17 24.43 5.03 6.79
C HIS A 17 23.63 3.98 7.44
N GLU A 18 22.97 4.30 8.55
CA GLU A 18 22.00 3.30 9.13
C GLU A 18 20.61 3.95 9.34
N LEU A 19 19.56 3.23 9.05
CA LEU A 19 18.24 3.59 9.48
C LEU A 19 17.56 2.49 10.29
N GLU A 20 17.16 2.79 11.51
CA GLU A 20 16.28 1.90 12.29
C GLU A 20 14.84 1.91 11.71
N VAL A 21 14.26 0.78 11.57
CA VAL A 21 12.93 0.72 11.03
C VAL A 21 12.06 -0.19 11.91
N ALA A 22 10.86 0.31 12.26
CA ALA A 22 9.93 -0.46 13.06
C ALA A 22 9.07 -1.47 12.23
N ALA A 23 9.72 -2.27 11.40
CA ALA A 23 9.14 -3.30 10.68
C ALA A 23 10.13 -4.44 10.65
N SER A 24 9.65 -5.68 10.39
CA SER A 24 10.60 -6.77 10.33
C SER A 24 11.62 -6.61 9.18
N ALA A 25 12.79 -7.22 9.35
CA ALA A 25 13.68 -7.43 8.27
C ALA A 25 13.05 -8.11 7.07
N ASP A 26 12.17 -9.14 7.31
CA ASP A 26 11.51 -9.74 6.21
C ASP A 26 10.64 -8.76 5.36
N ASP A 27 9.96 -7.88 6.03
CA ASP A 27 9.08 -6.95 5.33
C ASP A 27 9.91 -5.95 4.48
N ILE A 28 10.97 -5.44 5.09
CA ILE A 28 11.86 -4.51 4.42
C ILE A 28 12.61 -5.15 3.25
N TRP A 29 13.12 -6.33 3.48
CA TRP A 29 13.73 -7.08 2.43
C TRP A 29 12.77 -7.46 1.29
N THR A 30 11.51 -7.63 1.57
CA THR A 30 10.55 -7.88 0.50
C THR A 30 10.62 -6.73 -0.59
N VAL A 31 10.77 -5.50 -0.12
CA VAL A 31 10.78 -4.39 -1.07
C VAL A 31 12.11 -4.27 -1.79
N TYR A 32 13.22 -4.35 -1.05
CA TYR A 32 14.52 -4.28 -1.67
C TYR A 32 14.77 -5.36 -2.62
N SER A 33 14.25 -6.56 -2.43
CA SER A 33 14.40 -7.62 -3.37
C SER A 33 13.33 -7.83 -4.32
N TRP A 34 12.31 -7.02 -4.36
CA TRP A 34 11.25 -7.18 -5.33
C TRP A 34 11.78 -7.00 -6.75
N PRO A 35 11.52 -7.94 -7.65
CA PRO A 35 12.10 -7.74 -8.99
C PRO A 35 11.53 -6.52 -9.67
N GLY A 36 10.29 -6.11 -9.37
CA GLY A 36 9.76 -4.88 -9.96
C GLY A 36 10.32 -3.55 -9.45
N LEU A 37 11.27 -3.55 -8.52
CA LEU A 37 11.65 -2.37 -7.79
C LEU A 37 12.30 -1.34 -8.83
N ALA A 38 13.19 -1.90 -9.65
CA ALA A 38 13.94 -1.08 -10.54
C ALA A 38 13.00 -0.28 -11.42
N LYS A 39 12.06 -0.94 -12.03
CA LYS A 39 11.16 -0.32 -12.90
C LYS A 39 10.28 0.70 -12.24
N HIS A 40 9.98 0.49 -10.98
CA HIS A 40 9.21 1.47 -10.18
C HIS A 40 10.04 2.50 -9.41
N LEU A 41 11.37 2.60 -9.58
CA LEU A 41 12.11 3.61 -8.86
C LEU A 41 11.61 5.09 -8.99
N PRO A 42 11.10 5.47 -10.13
CA PRO A 42 10.49 6.83 -10.22
C PRO A 42 9.24 7.05 -9.33
N ASP A 43 8.44 6.03 -9.02
CA ASP A 43 7.29 6.11 -8.09
C ASP A 43 7.87 6.20 -6.69
N LEU A 44 8.79 5.32 -6.41
CA LEU A 44 9.46 5.36 -5.13
C LEU A 44 10.13 6.74 -4.82
N LEU A 45 10.78 7.33 -5.83
CA LEU A 45 11.48 8.60 -5.73
C LEU A 45 11.10 9.68 -6.82
N PRO A 46 9.96 10.31 -6.68
CA PRO A 46 9.39 11.15 -7.76
C PRO A 46 10.18 12.40 -8.13
N GLY A 47 10.19 12.79 -9.39
CA GLY A 47 10.81 14.03 -9.85
C GLY A 47 12.33 13.92 -10.09
N ALA A 48 12.97 12.80 -9.75
CA ALA A 48 14.47 12.55 -9.93
C ALA A 48 14.83 12.35 -11.47
N PHE A 49 14.04 11.49 -12.15
CA PHE A 49 14.47 10.97 -13.45
C PHE A 49 14.08 11.72 -14.72
N GLU A 50 14.96 11.82 -15.67
CA GLU A 50 14.63 12.21 -17.01
C GLU A 50 14.35 10.89 -17.81
N LYS A 51 15.10 9.83 -17.55
CA LYS A 51 14.91 8.59 -18.28
C LYS A 51 15.43 7.42 -17.50
N LEU A 52 14.70 6.27 -17.60
CA LEU A 52 15.16 5.12 -16.89
C LEU A 52 14.90 3.94 -17.84
N GLU A 53 15.95 3.25 -18.15
CA GLU A 53 15.89 2.12 -19.05
C GLU A 53 16.50 0.91 -18.27
N ILE A 54 15.77 -0.19 -18.28
CA ILE A 54 16.10 -1.34 -17.48
C ILE A 54 16.28 -2.55 -18.43
N ILE A 55 17.41 -3.19 -18.30
CA ILE A 55 17.70 -4.40 -19.08
C ILE A 55 17.81 -5.54 -18.14
N GLY A 56 16.87 -6.45 -18.13
CA GLY A 56 16.90 -7.55 -17.24
C GLY A 56 15.55 -7.67 -16.51
N ASP A 57 15.33 -8.79 -15.84
CA ASP A 57 14.10 -9.07 -15.14
C ASP A 57 14.02 -8.57 -13.71
N GLY A 58 14.97 -7.74 -13.22
CA GLY A 58 14.93 -7.24 -11.89
C GLY A 58 15.77 -8.00 -10.91
N GLY A 59 16.26 -9.13 -11.29
CA GLY A 59 17.08 -10.00 -10.41
C GLY A 59 18.52 -9.70 -10.70
N VAL A 60 19.37 -10.50 -10.13
CA VAL A 60 20.80 -10.34 -10.28
C VAL A 60 21.25 -10.26 -11.75
N GLY A 61 22.16 -9.37 -12.11
CA GLY A 61 22.56 -9.14 -13.50
C GLY A 61 21.81 -8.00 -14.26
N THR A 62 20.69 -7.53 -13.69
CA THR A 62 19.91 -6.43 -14.27
C THR A 62 20.78 -5.17 -14.29
N ILE A 63 20.66 -4.41 -15.36
CA ILE A 63 21.30 -3.17 -15.60
C ILE A 63 20.29 -2.05 -15.70
N LEU A 64 20.55 -0.93 -15.00
CA LEU A 64 19.66 0.16 -15.03
C LEU A 64 20.50 1.36 -15.63
N ASP A 65 20.02 1.96 -16.69
CA ASP A 65 20.56 3.12 -17.25
C ASP A 65 19.74 4.30 -16.74
N MET A 66 20.33 5.14 -15.87
CA MET A 66 19.60 6.18 -15.20
C MET A 66 20.00 7.56 -15.68
N THR A 67 19.11 8.38 -16.15
CA THR A 67 19.43 9.74 -16.56
C THR A 67 18.59 10.61 -15.69
N PHE A 68 19.21 11.62 -15.07
CA PHE A 68 18.57 12.56 -14.18
C PHE A 68 18.34 13.95 -14.82
N VAL A 69 17.35 14.65 -14.32
CA VAL A 69 16.90 15.89 -14.87
C VAL A 69 18.10 16.91 -14.64
N PRO A 70 18.25 17.80 -15.54
CA PRO A 70 19.22 18.97 -15.41
C PRO A 70 19.24 19.60 -14.01
N GLY A 71 20.50 19.85 -13.55
CA GLY A 71 20.76 20.36 -12.22
C GLY A 71 21.16 19.31 -11.27
N GLU A 72 20.91 18.02 -11.61
CA GLU A 72 21.43 16.90 -10.82
C GLU A 72 22.85 16.48 -11.34
N PHE A 73 23.75 16.22 -10.39
CA PHE A 73 25.09 15.66 -10.67
C PHE A 73 25.09 14.36 -9.93
N PRO A 74 25.46 13.21 -10.51
CA PRO A 74 25.73 13.08 -11.91
C PRO A 74 24.47 13.22 -12.75
N HIS A 75 24.66 13.34 -14.04
CA HIS A 75 23.58 13.35 -15.00
C HIS A 75 23.13 11.95 -15.46
N GLU A 76 24.06 11.02 -15.68
CA GLU A 76 23.69 9.70 -16.13
CA GLU A 76 23.69 9.71 -16.12
C GLU A 76 24.74 8.77 -15.65
N TYR A 77 24.28 7.52 -15.34
CA TYR A 77 25.12 6.46 -15.13
C TYR A 77 24.36 5.13 -15.29
N LYS A 78 25.10 4.09 -15.42
CA LYS A 78 24.59 2.74 -15.47
C LYS A 78 24.95 1.99 -14.20
N GLU A 79 23.96 1.20 -13.68
CA GLU A 79 24.08 0.47 -12.40
C GLU A 79 23.80 -1.00 -12.78
N LYS A 80 24.39 -1.92 -12.04
CA LYS A 80 24.17 -3.35 -12.28
C LYS A 80 23.95 -3.99 -10.91
N PHE A 81 23.00 -4.92 -10.85
CA PHE A 81 22.74 -5.69 -9.61
C PHE A 81 23.80 -6.81 -9.59
N ILE A 82 24.66 -6.80 -8.65
CA ILE A 82 25.74 -7.77 -8.59
C ILE A 82 25.36 -8.93 -7.68
N LEU A 83 24.59 -8.65 -6.67
CA LEU A 83 24.23 -9.66 -5.64
C LEU A 83 22.85 -9.33 -5.11
N VAL A 84 21.98 -10.34 -5.03
CA VAL A 84 20.74 -10.18 -4.37
C VAL A 84 20.50 -11.41 -3.44
N ASP A 85 21.13 -11.40 -2.28
CA ASP A 85 21.31 -12.56 -1.38
C ASP A 85 20.17 -12.62 -0.34
N ASN A 86 19.18 -13.50 -0.59
CA ASN A 86 18.04 -13.63 0.29
C ASN A 86 18.39 -14.19 1.69
N GLU A 87 19.37 -15.08 1.81
CA GLU A 87 19.71 -15.61 3.08
C GLU A 87 20.27 -14.56 4.07
N HIS A 88 21.09 -13.64 3.54
CA HIS A 88 21.68 -12.67 4.37
C HIS A 88 20.98 -11.24 4.20
N ARG A 89 19.99 -11.15 3.35
CA ARG A 89 19.30 -9.89 3.06
C ARG A 89 20.36 -8.82 2.68
N LEU A 90 21.14 -9.19 1.71
CA LEU A 90 22.34 -8.41 1.28
C LEU A 90 22.19 -8.11 -0.20
N LYS A 91 22.22 -6.84 -0.57
CA LYS A 91 22.14 -6.41 -1.98
C LYS A 91 23.38 -5.56 -2.34
N LYS A 92 23.97 -5.84 -3.50
CA LYS A 92 25.11 -5.10 -4.04
C LYS A 92 24.83 -4.60 -5.41
N VAL A 93 25.03 -3.26 -5.61
CA VAL A 93 24.65 -2.64 -6.85
C VAL A 93 25.90 -1.77 -7.24
N GLN A 94 26.43 -2.01 -8.40
CA GLN A 94 27.69 -1.50 -8.91
C GLN A 94 27.39 -0.38 -9.95
N MET A 95 28.08 0.70 -9.84
CA MET A 95 28.08 1.74 -10.90
C MET A 95 29.09 1.29 -11.95
N ILE A 96 28.63 0.97 -13.15
CA ILE A 96 29.45 0.28 -14.11
C ILE A 96 29.83 1.17 -15.30
N GLU A 97 29.18 2.34 -15.51
CA GLU A 97 29.52 3.24 -16.56
C GLU A 97 29.05 4.62 -16.22
N GLY A 98 29.81 5.66 -16.60
CA GLY A 98 29.30 6.98 -16.36
C GLY A 98 29.37 7.40 -14.93
N GLY A 99 28.59 8.39 -14.53
CA GLY A 99 28.64 8.84 -13.16
C GLY A 99 30.04 9.24 -12.65
N TYR A 100 30.32 8.77 -11.47
CA TYR A 100 31.58 9.05 -10.81
C TYR A 100 32.72 8.36 -11.51
N LEU A 101 32.50 7.44 -12.47
CA LEU A 101 33.54 6.79 -13.17
C LEU A 101 34.23 7.81 -14.13
N ASP A 102 33.52 8.95 -14.38
CA ASP A 102 34.10 10.04 -15.17
C ASP A 102 34.72 11.17 -14.35
N LEU A 103 34.99 10.85 -13.09
CA LEU A 103 35.60 11.70 -12.13
C LEU A 103 36.68 11.00 -11.35
N GLY A 104 37.47 10.20 -12.03
CA GLY A 104 38.64 9.62 -11.49
C GLY A 104 38.42 8.44 -10.55
N VAL A 105 37.17 7.94 -10.54
CA VAL A 105 36.83 6.84 -9.67
C VAL A 105 36.84 5.57 -10.53
N THR A 106 37.51 4.50 -10.02
CA THR A 106 37.72 3.30 -10.82
C THR A 106 36.82 2.18 -10.34
N TYR A 107 36.19 2.35 -9.20
CA TYR A 107 35.31 1.29 -8.69
C TYR A 107 34.29 2.01 -7.80
N TYR A 108 33.02 1.63 -7.93
CA TYR A 108 31.95 2.21 -7.10
C TYR A 108 30.89 1.10 -6.83
N MET A 109 30.68 0.80 -5.57
CA MET A 109 29.81 -0.33 -5.14
C MET A 109 28.93 0.15 -3.95
N ASP A 110 27.59 0.04 -4.14
CA ASP A 110 26.67 0.25 -3.04
C ASP A 110 26.27 -1.10 -2.45
N THR A 111 26.21 -1.16 -1.12
CA THR A 111 25.82 -2.37 -0.42
C THR A 111 24.62 -1.99 0.47
N ILE A 112 23.60 -2.84 0.61
CA ILE A 112 22.47 -2.62 1.45
C ILE A 112 22.29 -3.96 2.21
N HIS A 113 22.28 -3.89 3.49
CA HIS A 113 22.17 -5.09 4.35
C HIS A 113 21.03 -4.82 5.35
N VAL A 114 19.98 -5.58 5.27
CA VAL A 114 18.80 -5.44 6.16
C VAL A 114 18.92 -6.45 7.34
N VAL A 115 19.20 -5.94 8.53
CA VAL A 115 19.57 -6.65 9.69
C VAL A 115 18.49 -6.67 10.75
N PRO A 116 18.05 -7.88 11.20
CA PRO A 116 16.92 -7.89 12.13
C PRO A 116 17.42 -7.45 13.47
N THR A 117 16.63 -6.68 14.19
CA THR A 117 16.95 -6.23 15.55
C THR A 117 15.95 -6.78 16.58
N GLY A 118 14.78 -7.18 16.16
CA GLY A 118 13.66 -7.57 17.05
C GLY A 118 12.56 -8.13 16.19
N LYS A 119 11.49 -8.55 16.86
CA LYS A 119 10.41 -9.29 16.19
C LYS A 119 9.88 -8.48 14.98
N ASP A 120 9.66 -7.19 15.20
CA ASP A 120 9.08 -6.34 14.17
C ASP A 120 9.99 -5.14 13.96
N SER A 121 11.28 -5.39 13.98
CA SER A 121 12.28 -4.31 13.88
C SER A 121 13.54 -4.73 13.17
N CYS A 122 14.15 -3.74 12.43
CA CYS A 122 15.34 -4.00 11.72
C CYS A 122 16.16 -2.67 11.52
N VAL A 123 17.34 -2.84 11.06
CA VAL A 123 18.23 -1.72 10.70
C VAL A 123 18.67 -1.95 9.26
N ILE A 124 18.53 -0.92 8.43
CA ILE A 124 18.99 -0.91 7.08
C ILE A 124 20.36 -0.28 7.10
N LYS A 125 21.36 -1.10 6.77
CA LYS A 125 22.81 -0.72 6.82
C LYS A 125 23.22 -0.57 5.36
N SER A 126 23.33 0.72 4.95
CA SER A 126 23.69 1.03 3.58
C SER A 126 25.14 1.56 3.55
N SER A 127 25.94 1.16 2.59
CA SER A 127 27.29 1.73 2.51
C SER A 127 27.70 1.81 1.06
N THR A 128 28.69 2.67 0.86
CA THR A 128 29.21 2.96 -0.51
C THR A 128 30.72 2.79 -0.39
N GLU A 129 31.27 1.96 -1.24
CA GLU A 129 32.74 1.84 -1.34
C GLU A 129 33.20 2.35 -2.73
N TYR A 130 34.16 3.24 -2.78
CA TYR A 130 34.73 3.66 -4.02
C TYR A 130 36.25 3.73 -3.98
N HIS A 131 36.85 3.59 -5.14
CA HIS A 131 38.28 3.62 -5.28
C HIS A 131 38.58 4.75 -6.23
N VAL A 132 39.42 5.68 -5.75
CA VAL A 132 39.62 6.97 -6.46
C VAL A 132 41.12 7.25 -6.69
N LYS A 133 41.43 7.83 -7.83
CA LYS A 133 42.80 8.22 -8.12
C LYS A 133 43.20 9.32 -7.16
N PRO A 134 44.44 9.29 -6.65
CA PRO A 134 44.75 10.27 -5.58
C PRO A 134 44.50 11.69 -5.87
N GLU A 135 44.78 12.17 -7.10
CA GLU A 135 44.59 13.62 -7.43
C GLU A 135 43.07 14.04 -7.48
N PHE A 136 42.16 13.05 -7.50
CA PHE A 136 40.76 13.34 -7.52
C PHE A 136 40.06 13.26 -6.16
N VAL A 137 40.78 12.86 -5.09
CA VAL A 137 40.18 12.61 -3.80
C VAL A 137 39.36 13.86 -3.30
N LYS A 138 39.93 15.01 -3.44
CA LYS A 138 39.45 16.31 -2.92
C LYS A 138 38.22 16.76 -3.74
N ILE A 139 38.23 16.42 -5.01
CA ILE A 139 37.16 16.78 -5.90
C ILE A 139 35.95 15.92 -5.64
N VAL A 140 36.17 14.60 -5.44
CA VAL A 140 34.98 13.72 -5.26
C VAL A 140 34.46 13.59 -3.88
N GLU A 141 35.27 13.93 -2.90
CA GLU A 141 34.89 13.81 -1.49
C GLU A 141 33.58 14.48 -1.15
N PRO A 142 33.33 15.69 -1.60
CA PRO A 142 32.05 16.23 -1.16
C PRO A 142 30.87 15.78 -2.03
N LEU A 143 31.16 15.15 -3.18
CA LEU A 143 30.14 14.81 -4.11
C LEU A 143 29.59 13.40 -3.78
N ILE A 144 30.39 12.48 -3.24
CA ILE A 144 29.93 11.13 -3.03
C ILE A 144 29.49 11.07 -1.61
N THR A 145 28.16 10.96 -1.36
CA THR A 145 27.61 10.89 -0.01
C THR A 145 26.64 9.68 0.01
N THR A 146 26.15 9.41 1.22
CA THR A 146 25.18 8.41 1.43
C THR A 146 23.72 8.84 1.08
N GLY A 147 23.55 10.13 0.72
CA GLY A 147 22.30 10.77 0.29
C GLY A 147 21.39 9.86 -0.50
N PRO A 148 21.89 9.26 -1.56
CA PRO A 148 20.95 8.50 -2.38
C PRO A 148 20.45 7.16 -1.66
N LEU A 149 21.38 6.52 -0.96
CA LEU A 149 20.99 5.28 -0.21
C LEU A 149 20.08 5.64 0.99
N ALA A 150 20.34 6.79 1.66
CA ALA A 150 19.47 7.18 2.72
C ALA A 150 18.10 7.52 2.18
N ALA A 151 18.04 8.17 0.99
CA ALA A 151 16.74 8.53 0.41
C ALA A 151 15.93 7.21 0.15
N MET A 152 16.61 6.23 -0.40
CA MET A 152 15.95 4.98 -0.72
C MET A 152 15.45 4.28 0.58
N ALA A 153 16.27 4.24 1.59
CA ALA A 153 15.91 3.67 2.89
C ALA A 153 14.72 4.37 3.54
N ASP A 154 14.74 5.66 3.52
CA ASP A 154 13.60 6.47 4.01
C ASP A 154 12.34 6.19 3.27
N ALA A 155 12.40 6.05 1.96
CA ALA A 155 11.20 5.86 1.17
C ALA A 155 10.61 4.41 1.33
N ILE A 156 11.53 3.50 1.49
CA ILE A 156 11.11 2.02 1.64
C ILE A 156 10.51 1.87 3.02
N SER A 157 11.12 2.46 4.03
CA SER A 157 10.56 2.44 5.37
C SER A 157 9.12 2.97 5.43
N LYS A 158 8.95 4.14 4.78
CA LYS A 158 7.71 4.78 4.75
C LYS A 158 6.64 3.97 3.98
N LEU A 159 7.07 3.32 2.92
CA LEU A 159 6.17 2.58 2.09
C LEU A 159 5.64 1.34 2.97
N VAL A 160 6.49 0.73 3.74
CA VAL A 160 6.12 -0.42 4.61
C VAL A 160 5.32 0.03 5.80
N LEU A 161 5.64 1.13 6.42
CA LEU A 161 5.00 1.46 7.69
C LEU A 161 3.73 2.28 7.56
N GLU A 162 3.70 3.28 6.70
CA GLU A 162 2.63 4.30 6.74
C GLU A 162 1.21 3.88 6.27
N HIS A 163 0.23 4.25 7.09
CA HIS A 163 -1.21 3.89 6.86
C HIS A 163 -1.89 5.23 6.77
N GLN B 7 5.37 -35.94 26.68
CA GLN B 7 5.50 -37.38 26.17
C GLN B 7 6.27 -37.34 24.79
N VAL B 8 5.54 -37.79 23.74
CA VAL B 8 5.99 -37.88 22.34
C VAL B 8 5.68 -36.55 21.60
N SER B 9 6.73 -35.94 21.08
CA SER B 9 6.65 -34.62 20.38
C SER B 9 5.84 -34.81 19.07
N THR B 10 5.03 -33.80 18.77
CA THR B 10 4.38 -33.74 17.48
C THR B 10 5.42 -33.28 16.49
N VAL B 11 5.05 -33.31 15.22
CA VAL B 11 5.91 -32.84 14.12
C VAL B 11 5.33 -31.51 13.68
N THR B 12 6.19 -30.47 13.44
CA THR B 12 5.68 -29.12 13.03
C THR B 12 5.86 -29.03 11.55
N LYS B 13 4.79 -28.80 10.82
CA LYS B 13 4.89 -28.59 9.37
C LYS B 13 4.44 -27.09 9.07
N VAL B 14 5.12 -26.46 8.16
CA VAL B 14 4.73 -25.09 7.74
C VAL B 14 4.72 -25.06 6.21
N ILE B 15 3.58 -24.65 5.61
CA ILE B 15 3.48 -24.54 4.17
C ILE B 15 3.12 -23.03 3.83
N HIS B 16 3.58 -22.64 2.67
CA HIS B 16 3.61 -21.14 2.36
C HIS B 16 3.09 -20.94 0.94
N HIS B 17 2.39 -19.82 0.69
CA HIS B 17 1.90 -19.46 -0.62
C HIS B 17 2.05 -17.90 -0.74
N GLU B 18 2.49 -17.46 -1.89
CA GLU B 18 2.57 -16.01 -2.17
C GLU B 18 1.79 -15.67 -3.46
N LEU B 19 1.10 -14.52 -3.41
CA LEU B 19 0.53 -14.00 -4.65
C LEU B 19 0.93 -12.49 -4.72
N GLU B 20 1.63 -12.14 -5.72
CA GLU B 20 1.83 -10.68 -6.10
C GLU B 20 0.53 -10.11 -6.67
N VAL B 21 0.17 -8.96 -6.23
CA VAL B 21 -1.03 -8.31 -6.68
C VAL B 21 -0.61 -6.82 -7.07
N ALA B 22 -1.06 -6.41 -8.24
CA ALA B 22 -0.96 -5.00 -8.65
C ALA B 22 -1.98 -4.04 -8.10
N ALA B 23 -2.16 -4.01 -6.81
CA ALA B 23 -2.92 -3.08 -6.08
C ALA B 23 -2.22 -2.78 -4.78
N SER B 24 -2.53 -1.65 -4.14
CA SER B 24 -1.83 -1.34 -2.89
C SER B 24 -2.08 -2.42 -1.75
N ALA B 25 -1.11 -2.54 -0.85
CA ALA B 25 -1.34 -3.25 0.34
C ALA B 25 -2.60 -2.83 1.10
N ASP B 26 -2.78 -1.55 1.25
CA ASP B 26 -3.92 -1.03 1.95
C ASP B 26 -5.25 -1.45 1.28
N ASP B 27 -5.34 -1.54 0.00
CA ASP B 27 -6.55 -1.90 -0.66
C ASP B 27 -6.81 -3.43 -0.35
N ILE B 28 -5.76 -4.23 -0.48
CA ILE B 28 -5.90 -5.67 -0.18
C ILE B 28 -6.23 -5.91 1.26
N TRP B 29 -5.57 -5.29 2.16
CA TRP B 29 -5.82 -5.36 3.54
C TRP B 29 -7.22 -4.87 3.93
N THR B 30 -7.79 -3.92 3.20
CA THR B 30 -9.11 -3.45 3.52
C THR B 30 -10.09 -4.67 3.40
N VAL B 31 -9.86 -5.55 2.42
CA VAL B 31 -10.83 -6.67 2.22
C VAL B 31 -10.58 -7.73 3.29
N TYR B 32 -9.35 -8.15 3.50
CA TYR B 32 -9.01 -9.13 4.49
C TYR B 32 -9.41 -8.74 5.86
N SER B 33 -9.42 -7.47 6.22
CA SER B 33 -9.81 -7.09 7.51
C SER B 33 -11.20 -6.57 7.65
N TRP B 34 -11.96 -6.51 6.60
CA TRP B 34 -13.30 -6.07 6.67
C TRP B 34 -14.17 -6.87 7.64
N PRO B 35 -14.88 -6.25 8.61
CA PRO B 35 -15.64 -7.05 9.53
C PRO B 35 -16.72 -7.87 8.81
N GLY B 36 -17.27 -7.37 7.71
CA GLY B 36 -18.24 -8.14 6.89
C GLY B 36 -17.71 -9.37 6.14
N LEU B 37 -16.41 -9.67 6.14
CA LEU B 37 -15.83 -10.55 5.16
C LEU B 37 -16.43 -12.07 5.53
N ALA B 38 -16.42 -12.36 6.78
CA ALA B 38 -16.81 -13.77 7.22
C ALA B 38 -18.19 -14.01 6.65
N LYS B 39 -19.12 -13.18 6.94
CA LYS B 39 -20.44 -13.38 6.53
C LYS B 39 -20.63 -13.39 5.03
N HIS B 40 -19.80 -12.67 4.30
CA HIS B 40 -19.80 -12.75 2.85
C HIS B 40 -18.87 -13.74 2.19
N LEU B 41 -18.21 -14.65 2.90
CA LEU B 41 -17.36 -15.62 2.24
C LEU B 41 -18.07 -16.51 1.19
N PRO B 42 -19.34 -16.83 1.34
CA PRO B 42 -20.05 -17.50 0.26
C PRO B 42 -20.13 -16.78 -1.06
N ASP B 43 -20.23 -15.42 -1.02
CA ASP B 43 -20.22 -14.55 -2.21
C ASP B 43 -18.82 -14.53 -2.78
N LEU B 44 -17.85 -14.35 -1.92
CA LEU B 44 -16.48 -14.38 -2.35
C LEU B 44 -16.04 -15.70 -2.99
N LEU B 45 -16.58 -16.85 -2.46
CA LEU B 45 -16.21 -18.18 -2.92
C LEU B 45 -17.45 -19.09 -3.17
N PRO B 46 -18.10 -18.91 -4.28
CA PRO B 46 -19.42 -19.63 -4.50
C PRO B 46 -19.23 -21.14 -4.67
N GLY B 47 -20.18 -21.95 -4.18
CA GLY B 47 -20.07 -23.42 -4.30
C GLY B 47 -19.19 -24.10 -3.25
N ALA B 48 -18.46 -23.35 -2.44
CA ALA B 48 -17.59 -23.86 -1.28
C ALA B 48 -18.41 -24.41 -0.10
N PHE B 49 -19.43 -23.65 0.31
CA PHE B 49 -20.19 -23.91 1.56
C PHE B 49 -21.45 -24.69 1.43
N GLU B 50 -21.70 -25.60 2.36
CA GLU B 50 -23.05 -26.08 2.58
C GLU B 50 -23.68 -25.22 3.65
N LYS B 51 -22.93 -24.88 4.69
CA LYS B 51 -23.47 -23.99 5.74
C LYS B 51 -22.38 -23.15 6.42
N LEU B 52 -22.75 -21.97 6.90
CA LEU B 52 -21.83 -21.13 7.61
C LEU B 52 -22.57 -20.44 8.72
N GLU B 53 -22.05 -20.57 9.91
CA GLU B 53 -22.65 -19.94 11.08
C GLU B 53 -21.58 -19.13 11.79
N ILE B 54 -21.83 -17.84 12.03
CA ILE B 54 -20.85 -16.94 12.58
C ILE B 54 -21.30 -16.47 13.99
N ILE B 55 -20.38 -16.55 14.96
CA ILE B 55 -20.60 -16.01 16.27
C ILE B 55 -19.59 -14.88 16.48
N GLY B 56 -20.07 -13.65 16.52
CA GLY B 56 -19.17 -12.50 16.73
C GLY B 56 -19.39 -11.45 15.63
N ASP B 57 -18.79 -10.29 15.79
CA ASP B 57 -19.03 -9.17 14.86
C ASP B 57 -18.06 -9.09 13.68
N GLY B 58 -17.24 -10.10 13.42
CA GLY B 58 -16.29 -10.02 12.31
C GLY B 58 -14.89 -9.64 12.71
N GLY B 59 -14.71 -9.18 13.93
CA GLY B 59 -13.38 -8.81 14.43
C GLY B 59 -12.75 -9.94 15.19
N VAL B 60 -11.64 -9.64 15.86
CA VAL B 60 -10.92 -10.56 16.67
C VAL B 60 -11.83 -11.26 17.70
N GLY B 61 -11.69 -12.60 17.85
CA GLY B 61 -12.51 -13.42 18.74
C GLY B 61 -13.72 -14.03 18.00
N THR B 62 -14.06 -13.59 16.78
CA THR B 62 -15.17 -14.20 16.01
C THR B 62 -14.88 -15.60 15.74
N ILE B 63 -15.92 -16.46 15.80
CA ILE B 63 -15.83 -17.88 15.52
C ILE B 63 -16.74 -18.23 14.32
N LEU B 64 -16.21 -18.97 13.36
CA LEU B 64 -16.97 -19.36 12.18
C LEU B 64 -17.13 -20.91 12.26
N ASP B 65 -18.32 -21.36 12.12
CA ASP B 65 -18.57 -22.82 12.00
C ASP B 65 -18.84 -23.14 10.54
N MET B 66 -17.89 -23.73 9.85
CA MET B 66 -17.93 -23.87 8.42
C MET B 66 -18.25 -25.32 7.99
N THR B 67 -19.25 -25.54 7.18
CA THR B 67 -19.57 -26.89 6.75
C THR B 67 -19.45 -26.80 5.25
N PHE B 68 -18.68 -27.69 4.66
CA PHE B 68 -18.41 -27.73 3.23
C PHE B 68 -19.29 -28.80 2.50
N VAL B 69 -19.46 -28.50 1.20
CA VAL B 69 -20.25 -29.28 0.33
C VAL B 69 -19.58 -30.67 0.30
N PRO B 70 -20.43 -31.69 0.15
CA PRO B 70 -19.93 -33.07 0.13
C PRO B 70 -18.76 -33.29 -0.85
N GLY B 71 -17.95 -34.27 -0.51
CA GLY B 71 -17.05 -34.93 -1.43
C GLY B 71 -15.67 -34.64 -0.94
N GLU B 72 -15.37 -33.39 -0.53
CA GLU B 72 -14.04 -33.15 -0.03
C GLU B 72 -13.95 -33.20 1.53
N PHE B 73 -12.71 -33.15 1.99
CA PHE B 73 -12.34 -33.36 3.38
C PHE B 73 -11.53 -32.16 3.71
N PRO B 74 -11.72 -31.48 4.81
CA PRO B 74 -12.74 -31.74 5.76
C PRO B 74 -14.08 -31.37 5.33
N HIS B 75 -15.04 -31.95 6.05
CA HIS B 75 -16.39 -31.58 5.96
C HIS B 75 -16.82 -30.41 6.87
N GLU B 76 -16.29 -30.33 8.09
CA GLU B 76 -16.74 -29.29 9.02
C GLU B 76 -15.60 -29.01 9.93
N TYR B 77 -15.45 -27.73 10.28
CA TYR B 77 -14.65 -27.30 11.36
C TYR B 77 -15.03 -25.91 11.84
N LYS B 78 -14.54 -25.55 13.00
CA LYS B 78 -14.73 -24.20 13.53
C LYS B 78 -13.39 -23.45 13.53
N GLU B 79 -13.44 -22.16 13.10
CA GLU B 79 -12.21 -21.30 12.96
C GLU B 79 -12.47 -20.08 13.88
N LYS B 80 -11.43 -19.54 14.45
CA LYS B 80 -11.54 -18.39 15.34
C LYS B 80 -10.47 -17.35 14.83
N PHE B 81 -10.87 -16.07 14.83
CA PHE B 81 -9.95 -14.99 14.47
C PHE B 81 -9.13 -14.73 15.72
N ILE B 82 -7.86 -15.00 15.66
CA ILE B 82 -7.01 -14.83 16.83
C ILE B 82 -6.38 -13.45 16.83
N LEU B 83 -6.05 -12.98 15.67
CA LEU B 83 -5.32 -11.67 15.51
C LEU B 83 -5.76 -10.99 14.27
N VAL B 84 -6.02 -9.67 14.38
CA VAL B 84 -6.33 -8.94 13.19
C VAL B 84 -5.51 -7.58 13.36
N ASP B 85 -4.27 -7.63 12.96
CA ASP B 85 -3.25 -6.57 13.29
C ASP B 85 -3.16 -5.60 12.10
N ASN B 86 -3.77 -4.42 12.25
CA ASN B 86 -3.76 -3.41 11.19
C ASN B 86 -2.36 -2.79 11.00
N GLU B 87 -1.57 -2.66 12.04
CA GLU B 87 -0.26 -2.06 11.90
C GLU B 87 0.69 -2.88 11.01
N HIS B 88 0.64 -4.19 11.15
CA HIS B 88 1.49 -5.09 10.39
C HIS B 88 0.71 -5.78 9.25
N ARG B 89 -0.55 -5.54 9.09
CA ARG B 89 -1.38 -6.19 8.05
C ARG B 89 -1.19 -7.77 8.21
N LEU B 90 -1.47 -8.21 9.42
CA LEU B 90 -1.27 -9.64 9.76
C LEU B 90 -2.60 -10.16 10.38
N LYS B 91 -3.09 -11.26 9.82
CA LYS B 91 -4.37 -11.86 10.34
C LYS B 91 -4.00 -13.35 10.65
N LYS B 92 -4.49 -13.83 11.83
CA LYS B 92 -4.30 -15.23 12.21
C LYS B 92 -5.64 -15.82 12.50
N VAL B 93 -5.84 -17.05 11.94
CA VAL B 93 -7.16 -17.68 12.04
C VAL B 93 -6.80 -19.10 12.44
N GLN B 94 -7.40 -19.58 13.54
CA GLN B 94 -6.98 -20.90 14.13
C GLN B 94 -8.17 -21.83 13.99
N MET B 95 -7.83 -23.08 13.59
CA MET B 95 -8.84 -24.16 13.58
C MET B 95 -8.97 -24.64 14.99
N ILE B 96 -10.15 -24.49 15.59
CA ILE B 96 -10.28 -24.69 16.99
C ILE B 96 -11.12 -25.93 17.30
N GLU B 97 -11.86 -26.51 16.36
CA GLU B 97 -12.61 -27.76 16.67
C GLU B 97 -12.86 -28.45 15.33
N GLY B 98 -12.84 -29.76 15.32
CA GLY B 98 -13.24 -30.48 14.09
C GLY B 98 -12.11 -30.41 13.06
N GLY B 99 -12.44 -30.65 11.80
CA GLY B 99 -11.44 -30.66 10.80
C GLY B 99 -10.28 -31.61 11.02
N TYR B 100 -9.09 -31.10 10.79
CA TYR B 100 -7.87 -31.85 10.95
C TYR B 100 -7.59 -32.18 12.38
N LEU B 101 -8.30 -31.62 13.35
CA LEU B 101 -8.03 -31.89 14.74
C LEU B 101 -8.61 -33.29 15.07
N ASP B 102 -9.40 -33.81 14.13
CA ASP B 102 -9.90 -35.22 14.24
C ASP B 102 -9.10 -36.22 13.42
N LEU B 103 -7.96 -35.82 12.96
CA LEU B 103 -7.03 -36.60 12.18
C LEU B 103 -5.59 -36.46 12.70
N GLY B 104 -5.44 -36.42 14.02
CA GLY B 104 -4.17 -36.46 14.64
C GLY B 104 -3.37 -35.19 14.66
N VAL B 105 -4.02 -34.09 14.30
CA VAL B 105 -3.37 -32.78 14.38
C VAL B 105 -3.78 -32.09 15.71
N THR B 106 -2.80 -31.47 16.42
CA THR B 106 -3.06 -30.90 17.73
C THR B 106 -3.11 -29.36 17.69
N TYR B 107 -2.76 -28.79 16.58
CA TYR B 107 -2.64 -27.29 16.45
C TYR B 107 -2.65 -27.06 14.93
N TYR B 108 -3.44 -26.14 14.50
CA TYR B 108 -3.57 -25.73 13.11
C TYR B 108 -3.89 -24.18 13.07
N MET B 109 -2.98 -23.44 12.42
CA MET B 109 -3.07 -21.95 12.38
C MET B 109 -2.77 -21.45 10.95
N ASP B 110 -3.68 -20.61 10.43
CA ASP B 110 -3.44 -19.95 9.12
C ASP B 110 -3.04 -18.49 9.44
N THR B 111 -2.06 -18.00 8.70
CA THR B 111 -1.58 -16.63 8.80
C THR B 111 -1.70 -15.98 7.45
N ILE B 112 -2.11 -14.65 7.36
CA ILE B 112 -2.17 -14.01 6.11
C ILE B 112 -1.49 -12.60 6.40
N HIS B 113 -0.52 -12.30 5.59
CA HIS B 113 0.30 -11.11 5.90
C HIS B 113 0.44 -10.39 4.51
N VAL B 114 0.08 -9.11 4.47
CA VAL B 114 0.04 -8.36 3.20
C VAL B 114 1.20 -7.35 3.29
N VAL B 115 2.12 -7.44 2.39
CA VAL B 115 3.37 -6.60 2.42
C VAL B 115 3.39 -5.71 1.17
N PRO B 116 3.64 -4.42 1.33
CA PRO B 116 3.73 -3.56 0.14
C PRO B 116 5.00 -3.86 -0.62
N THR B 117 4.93 -3.77 -1.93
CA THR B 117 6.11 -3.84 -2.80
C THR B 117 6.34 -2.47 -3.52
N GLY B 118 5.33 -1.64 -3.60
CA GLY B 118 5.37 -0.37 -4.33
C GLY B 118 4.09 0.35 -4.01
N LYS B 119 3.99 1.58 -4.54
CA LYS B 119 2.84 2.42 -4.34
C LYS B 119 1.49 1.66 -4.61
N ASP B 120 1.49 0.96 -5.73
CA ASP B 120 0.20 0.35 -6.18
C ASP B 120 0.39 -1.19 -6.26
N SER B 121 1.23 -1.76 -5.40
CA SER B 121 1.58 -3.15 -5.51
C SER B 121 1.88 -3.76 -4.13
N CYS B 122 1.58 -5.05 -4.03
CA CYS B 122 1.84 -5.81 -2.78
C CYS B 122 1.96 -7.26 -3.04
N VAL B 123 2.27 -7.98 -1.95
CA VAL B 123 2.32 -9.43 -2.01
C VAL B 123 1.56 -9.94 -0.81
N ILE B 124 0.69 -10.98 -1.06
CA ILE B 124 -0.02 -11.60 -0.01
C ILE B 124 0.73 -12.89 0.32
N LYS B 125 1.20 -12.99 1.56
CA LYS B 125 2.01 -14.06 2.11
C LYS B 125 1.06 -14.83 3.04
N SER B 126 0.61 -15.98 2.53
CA SER B 126 -0.33 -16.82 3.31
C SER B 126 0.42 -18.09 3.74
N SER B 127 0.26 -18.51 5.00
CA SER B 127 0.87 -19.74 5.37
C SER B 127 0.00 -20.49 6.38
N THR B 128 0.34 -21.78 6.47
CA THR B 128 -0.49 -22.71 7.38
C THR B 128 0.59 -23.46 8.20
N GLU B 129 0.51 -23.33 9.50
CA GLU B 129 1.36 -24.12 10.43
C GLU B 129 0.50 -25.17 11.15
N TYR B 130 0.89 -26.45 11.11
CA TYR B 130 0.20 -27.41 11.93
C TYR B 130 1.19 -28.33 12.66
N HIS B 131 0.69 -28.94 13.73
CA HIS B 131 1.46 -29.82 14.53
C HIS B 131 0.67 -31.14 14.56
N VAL B 132 1.36 -32.20 14.19
CA VAL B 132 0.73 -33.50 13.89
C VAL B 132 1.46 -34.62 14.64
N LYS B 133 0.68 -35.59 15.11
CA LYS B 133 1.28 -36.82 15.75
C LYS B 133 2.07 -37.55 14.72
N PRO B 134 3.30 -37.98 15.05
CA PRO B 134 4.13 -38.60 14.00
C PRO B 134 3.47 -39.73 13.19
N GLU B 135 2.66 -40.58 13.78
CA GLU B 135 2.02 -41.70 13.03
C GLU B 135 0.97 -41.26 12.00
N PHE B 136 0.52 -40.02 12.10
CA PHE B 136 -0.45 -39.47 11.19
C PHE B 136 0.18 -38.57 10.08
N VAL B 137 1.49 -38.41 10.02
CA VAL B 137 2.11 -37.47 9.10
C VAL B 137 1.82 -37.84 7.64
N LYS B 138 1.87 -39.11 7.31
CA LYS B 138 1.71 -39.60 5.93
C LYS B 138 0.24 -39.52 5.52
N ILE B 139 -0.67 -39.57 6.47
CA ILE B 139 -2.08 -39.50 6.18
C ILE B 139 -2.43 -37.99 5.96
N VAL B 140 -1.90 -37.10 6.79
CA VAL B 140 -2.40 -35.71 6.71
C VAL B 140 -1.62 -34.84 5.70
N GLU B 141 -0.38 -35.20 5.40
CA GLU B 141 0.44 -34.39 4.56
CA GLU B 141 0.47 -34.40 4.54
C GLU B 141 -0.19 -34.07 3.21
N PRO B 142 -0.73 -35.06 2.53
CA PRO B 142 -1.32 -34.63 1.24
C PRO B 142 -2.67 -33.98 1.31
N LEU B 143 -3.30 -34.00 2.48
CA LEU B 143 -4.60 -33.36 2.64
C LEU B 143 -4.42 -31.87 2.97
N ILE B 144 -3.38 -31.48 3.70
CA ILE B 144 -3.26 -30.14 4.16
C ILE B 144 -2.42 -29.38 3.14
N THR B 145 -3.06 -28.44 2.41
CA THR B 145 -2.32 -27.75 1.35
C THR B 145 -2.70 -26.19 1.57
N THR B 146 -2.07 -25.41 0.74
CA THR B 146 -2.34 -23.94 0.66
C THR B 146 -3.56 -23.61 -0.19
N GLY B 147 -4.19 -24.62 -0.79
CA GLY B 147 -5.42 -24.48 -1.64
C GLY B 147 -6.41 -23.50 -1.10
N PRO B 148 -6.81 -23.60 0.17
CA PRO B 148 -7.85 -22.74 0.63
C PRO B 148 -7.36 -21.21 0.78
N LEU B 149 -6.15 -21.06 1.25
CA LEU B 149 -5.57 -19.66 1.33
C LEU B 149 -5.28 -19.11 -0.05
N ALA B 150 -4.75 -19.90 -0.98
CA ALA B 150 -4.60 -19.44 -2.35
C ALA B 150 -5.91 -19.06 -2.96
N ALA B 151 -6.99 -19.86 -2.69
CA ALA B 151 -8.29 -19.52 -3.28
C ALA B 151 -8.78 -18.15 -2.76
N MET B 152 -8.59 -17.90 -1.49
CA MET B 152 -8.99 -16.61 -0.94
C MET B 152 -8.15 -15.47 -1.55
N ALA B 153 -6.83 -15.67 -1.66
CA ALA B 153 -5.93 -14.63 -2.24
C ALA B 153 -6.30 -14.37 -3.65
N ASP B 154 -6.53 -15.38 -4.46
CA ASP B 154 -6.97 -15.22 -5.80
C ASP B 154 -8.26 -14.45 -5.94
N ALA B 155 -9.29 -14.80 -5.12
CA ALA B 155 -10.53 -14.13 -5.21
C ALA B 155 -10.49 -12.60 -4.78
N ILE B 156 -9.69 -12.36 -3.75
CA ILE B 156 -9.62 -11.03 -3.19
C ILE B 156 -8.83 -10.15 -4.14
N SER B 157 -7.77 -10.73 -4.71
CA SER B 157 -6.99 -10.00 -5.75
C SER B 157 -7.87 -9.56 -6.87
N LYS B 158 -8.66 -10.49 -7.37
CA LYS B 158 -9.52 -10.25 -8.52
C LYS B 158 -10.58 -9.27 -8.20
N LEU B 159 -11.12 -9.27 -6.98
CA LEU B 159 -12.11 -8.33 -6.63
C LEU B 159 -11.48 -6.85 -6.70
N VAL B 160 -10.28 -6.73 -6.13
CA VAL B 160 -9.60 -5.44 -6.07
C VAL B 160 -9.09 -5.00 -7.44
N LEU B 161 -8.66 -5.90 -8.30
CA LEU B 161 -8.23 -5.60 -9.62
C LEU B 161 -9.25 -5.30 -10.62
N GLU B 162 -10.47 -5.70 -10.41
CA GLU B 162 -11.53 -5.63 -11.49
CA GLU B 162 -11.47 -5.66 -11.51
C GLU B 162 -11.94 -4.22 -11.84
N HIS B 163 -12.15 -3.92 -13.13
CA HIS B 163 -12.72 -2.61 -13.55
C HIS B 163 -13.83 -2.73 -14.56
N LYS B 164 -14.43 -1.58 -14.83
CA LYS B 164 -15.14 -1.33 -16.09
C LYS B 164 -14.39 -1.92 -17.34
N VAL C 8 8.61 28.87 3.38
CA VAL C 8 8.05 29.41 4.68
C VAL C 8 7.74 28.14 5.45
N SER C 9 8.19 27.99 6.71
CA SER C 9 7.95 26.59 7.35
C SER C 9 6.46 26.52 7.74
N THR C 10 5.95 25.30 7.67
CA THR C 10 4.65 25.01 7.94
C THR C 10 4.56 23.71 8.78
N VAL C 11 3.34 23.40 9.23
CA VAL C 11 3.01 22.17 9.93
C VAL C 11 1.97 21.42 9.04
N THR C 12 2.02 20.07 8.97
CA THR C 12 1.21 19.30 8.04
C THR C 12 0.19 18.60 8.89
N LYS C 13 -1.08 18.74 8.57
CA LYS C 13 -2.16 17.95 9.23
C LYS C 13 -2.89 17.16 8.22
N VAL C 14 -3.37 15.96 8.69
CA VAL C 14 -4.14 15.10 7.75
C VAL C 14 -5.34 14.62 8.51
N ILE C 15 -6.53 14.72 7.95
CA ILE C 15 -7.76 14.22 8.56
C ILE C 15 -8.45 13.25 7.55
N HIS C 16 -9.18 12.32 8.10
CA HIS C 16 -9.62 11.06 7.35
C HIS C 16 -11.08 10.76 7.72
N HIS C 17 -11.86 10.33 6.74
CA HIS C 17 -13.24 9.94 6.91
C HIS C 17 -13.48 8.65 6.02
N GLU C 18 -14.27 7.74 6.52
CA GLU C 18 -14.67 6.52 5.74
C GLU C 18 -16.20 6.31 5.77
N LEU C 19 -16.76 5.94 4.64
CA LEU C 19 -18.14 5.49 4.63
C LEU C 19 -18.25 4.14 3.87
N GLU C 20 -18.77 3.15 4.56
CA GLU C 20 -19.22 1.89 3.90
C GLU C 20 -20.44 2.07 3.10
N VAL C 21 -20.46 1.52 1.92
CA VAL C 21 -21.56 1.64 1.06
C VAL C 21 -21.96 0.17 0.55
N ALA C 22 -23.25 -0.04 0.57
CA ALA C 22 -23.76 -1.37 0.02
C ALA C 22 -24.01 -1.35 -1.48
N ALA C 23 -23.03 -0.86 -2.26
CA ALA C 23 -23.04 -0.85 -3.68
C ALA C 23 -21.66 -1.11 -4.16
N SER C 24 -21.47 -1.49 -5.41
CA SER C 24 -20.12 -1.85 -5.90
C SER C 24 -19.22 -0.58 -5.94
N ALA C 25 -17.96 -0.82 -5.83
CA ALA C 25 -16.94 0.15 -6.14
C ALA C 25 -17.13 0.79 -7.50
N ASP C 26 -17.37 0.00 -8.55
CA ASP C 26 -17.65 0.59 -9.85
C ASP C 26 -18.86 1.53 -9.86
N ASP C 27 -19.93 1.21 -9.16
CA ASP C 27 -21.08 2.06 -9.24
C ASP C 27 -20.78 3.41 -8.52
N ILE C 28 -20.11 3.37 -7.37
CA ILE C 28 -19.76 4.53 -6.63
C ILE C 28 -18.73 5.38 -7.37
N TRP C 29 -17.65 4.77 -7.84
CA TRP C 29 -16.68 5.40 -8.64
C TRP C 29 -17.19 5.99 -9.92
N THR C 30 -18.21 5.40 -10.52
CA THR C 30 -18.79 5.97 -11.73
C THR C 30 -19.29 7.41 -11.43
N VAL C 31 -19.83 7.64 -10.26
CA VAL C 31 -20.35 8.99 -9.92
C VAL C 31 -19.23 9.97 -9.63
N TYR C 32 -18.25 9.56 -8.81
CA TYR C 32 -17.16 10.45 -8.46
C TYR C 32 -16.33 10.78 -9.69
N SER C 33 -16.25 9.95 -10.69
CA SER C 33 -15.53 10.22 -11.86
C SER C 33 -16.31 10.73 -13.02
N TRP C 34 -17.57 10.91 -12.87
CA TRP C 34 -18.39 11.38 -13.96
C TRP C 34 -18.05 12.91 -14.26
N PRO C 35 -17.72 13.21 -15.51
CA PRO C 35 -17.49 14.58 -15.89
C PRO C 35 -18.59 15.56 -15.53
N GLY C 36 -19.83 15.14 -15.61
CA GLY C 36 -21.02 15.90 -15.19
C GLY C 36 -21.22 16.11 -13.73
N LEU C 37 -20.41 15.57 -12.86
CA LEU C 37 -20.59 15.72 -11.43
C LEU C 37 -20.56 17.18 -10.99
N ALA C 38 -19.48 17.81 -11.44
CA ALA C 38 -19.29 19.30 -10.96
C ALA C 38 -20.52 20.06 -11.22
N LYS C 39 -20.99 20.03 -12.45
CA LYS C 39 -22.11 20.85 -12.82
C LYS C 39 -23.38 20.49 -12.06
N HIS C 40 -23.52 19.22 -11.65
CA HIS C 40 -24.59 18.82 -10.79
C HIS C 40 -24.38 18.95 -9.28
N LEU C 41 -23.28 19.39 -8.75
CA LEU C 41 -23.09 19.43 -7.28
C LEU C 41 -24.15 20.19 -6.48
N PRO C 42 -24.66 21.31 -7.03
CA PRO C 42 -25.77 21.96 -6.27
C PRO C 42 -27.08 21.11 -6.19
N ASP C 43 -27.40 20.29 -7.22
CA ASP C 43 -28.53 19.31 -7.25
C ASP C 43 -28.23 18.24 -6.18
N LEU C 44 -27.01 17.71 -6.25
CA LEU C 44 -26.59 16.73 -5.30
C LEU C 44 -26.61 17.21 -3.85
N LEU C 45 -26.25 18.47 -3.62
CA LEU C 45 -26.16 19.09 -2.27
C LEU C 45 -26.87 20.45 -2.10
N PRO C 46 -28.18 20.43 -1.99
CA PRO C 46 -28.96 21.72 -2.07
C PRO C 46 -28.74 22.62 -0.85
N GLY C 47 -28.79 23.95 -1.03
CA GLY C 47 -28.70 24.90 0.09
C GLY C 47 -27.25 25.25 0.47
N ALA C 48 -26.25 24.43 0.07
CA ALA C 48 -24.77 24.72 0.32
C ALA C 48 -24.23 25.95 -0.49
N PHE C 49 -24.55 25.97 -1.79
CA PHE C 49 -24.03 27.03 -2.68
C PHE C 49 -24.83 28.27 -2.88
N GLU C 50 -24.15 29.43 -2.85
CA GLU C 50 -24.73 30.63 -3.39
C GLU C 50 -24.41 30.72 -4.88
N LYS C 51 -23.23 30.31 -5.32
CA LYS C 51 -22.92 30.20 -6.72
C LYS C 51 -21.84 29.17 -7.06
N LEU C 52 -21.87 28.59 -8.26
CA LEU C 52 -20.91 27.70 -8.75
C LEU C 52 -20.56 28.01 -10.20
N GLU C 53 -19.32 28.23 -10.48
CA GLU C 53 -18.83 28.48 -11.80
C GLU C 53 -17.75 27.44 -12.17
N ILE C 54 -17.96 26.77 -13.29
CA ILE C 54 -17.08 25.67 -13.75
C ILE C 54 -16.35 26.16 -15.03
N ILE C 55 -15.03 26.07 -15.03
CA ILE C 55 -14.28 26.22 -16.23
C ILE C 55 -13.60 24.92 -16.58
N GLY C 56 -13.94 24.32 -17.66
CA GLY C 56 -13.40 23.01 -18.06
C GLY C 56 -14.55 22.02 -18.33
N ASP C 57 -14.25 20.87 -18.90
CA ASP C 57 -15.27 19.83 -19.22
C ASP C 57 -15.60 18.86 -18.13
N GLY C 58 -15.15 19.05 -16.88
CA GLY C 58 -15.42 18.09 -15.82
C GLY C 58 -14.32 17.10 -15.57
N GLY C 59 -13.38 17.00 -16.48
CA GLY C 59 -12.23 16.08 -16.31
C GLY C 59 -11.12 16.78 -15.57
N VAL C 60 -9.99 16.08 -15.56
CA VAL C 60 -8.77 16.60 -14.99
C VAL C 60 -8.40 18.01 -15.50
N GLY C 61 -8.02 18.92 -14.61
CA GLY C 61 -7.71 20.34 -14.99
C GLY C 61 -8.86 21.33 -14.89
N THR C 62 -10.08 20.83 -14.70
CA THR C 62 -11.26 21.68 -14.50
C THR C 62 -11.07 22.40 -13.20
N ILE C 63 -11.55 23.65 -13.21
CA ILE C 63 -11.57 24.48 -12.07
C ILE C 63 -13.01 24.88 -11.67
N LEU C 64 -13.30 24.81 -10.40
CA LEU C 64 -14.57 25.19 -9.88
C LEU C 64 -14.41 26.39 -8.97
N ASP C 65 -15.16 27.40 -9.20
CA ASP C 65 -15.27 28.52 -8.31
C ASP C 65 -16.50 28.47 -7.48
N MET C 66 -16.34 28.23 -6.20
CA MET C 66 -17.46 27.88 -5.31
C MET C 66 -17.74 29.03 -4.34
N THR C 67 -18.94 29.51 -4.25
CA THR C 67 -19.28 30.65 -3.34
C THR C 67 -20.39 30.08 -2.48
N PHE C 68 -20.26 30.22 -1.15
CA PHE C 68 -21.21 29.71 -0.18
C PHE C 68 -22.11 30.81 0.44
N VAL C 69 -23.17 30.42 1.06
CA VAL C 69 -24.18 31.33 1.54
C VAL C 69 -23.56 32.03 2.75
N PRO C 70 -23.91 33.25 2.96
CA PRO C 70 -23.57 33.99 4.24
C PRO C 70 -23.76 33.12 5.51
N GLY C 71 -22.78 33.26 6.42
CA GLY C 71 -22.71 32.53 7.66
C GLY C 71 -21.76 31.39 7.57
N GLU C 72 -21.42 30.94 6.38
CA GLU C 72 -20.48 29.87 6.15
C GLU C 72 -19.02 30.47 6.05
N PHE C 73 -18.08 29.78 6.68
CA PHE C 73 -16.64 30.06 6.43
C PHE C 73 -16.13 28.75 5.88
N PRO C 74 -15.41 28.70 4.76
CA PRO C 74 -15.16 29.82 3.92
C PRO C 74 -16.34 30.29 3.18
N HIS C 75 -16.19 31.47 2.64
CA HIS C 75 -17.16 32.07 1.78
C HIS C 75 -16.92 31.69 0.30
N GLU C 76 -15.66 31.64 -0.15
CA GLU C 76 -15.43 31.34 -1.56
C GLU C 76 -14.07 30.73 -1.64
N TYR C 77 -13.90 29.85 -2.59
CA TYR C 77 -12.65 29.38 -3.03
C TYR C 77 -12.72 28.75 -4.41
N LYS C 78 -11.59 28.51 -5.00
CA LYS C 78 -11.45 27.82 -6.26
C LYS C 78 -10.76 26.47 -6.01
N GLU C 79 -11.33 25.42 -6.67
CA GLU C 79 -10.79 23.97 -6.55
C GLU C 79 -10.38 23.58 -7.93
N LYS C 80 -9.39 22.75 -8.06
CA LYS C 80 -8.97 22.24 -9.34
C LYS C 80 -8.83 20.68 -9.23
N PHE C 81 -9.33 20.01 -10.24
CA PHE C 81 -9.26 18.49 -10.29
C PHE C 81 -7.81 18.19 -10.73
N ILE C 82 -7.03 17.62 -9.85
CA ILE C 82 -5.63 17.40 -10.14
C ILE C 82 -5.43 15.97 -10.76
N LEU C 83 -6.21 15.08 -10.30
CA LEU C 83 -6.06 13.63 -10.71
C LEU C 83 -7.41 12.98 -10.69
N VAL C 84 -7.72 12.27 -11.78
CA VAL C 84 -8.92 11.48 -11.76
C VAL C 84 -8.55 10.08 -12.32
N ASP C 85 -8.04 9.25 -11.44
CA ASP C 85 -7.32 7.99 -11.81
C ASP C 85 -8.32 6.80 -11.75
N ASN C 86 -8.81 6.41 -12.92
CA ASN C 86 -9.81 5.34 -13.00
C ASN C 86 -9.24 3.95 -12.63
N GLU C 87 -7.98 3.72 -12.92
CA GLU C 87 -7.39 2.40 -12.62
C GLU C 87 -7.30 2.12 -11.15
N HIS C 88 -7.01 3.16 -10.35
CA HIS C 88 -6.86 3.04 -8.92
C HIS C 88 -8.03 3.68 -8.17
N ARG C 89 -9.06 4.15 -8.84
CA ARG C 89 -10.24 4.79 -8.21
C ARG C 89 -9.74 5.86 -7.18
N LEU C 90 -8.93 6.79 -7.69
CA LEU C 90 -8.31 7.81 -6.83
C LEU C 90 -8.60 9.21 -7.48
N LYS C 91 -9.19 10.09 -6.72
CA LYS C 91 -9.42 11.50 -7.19
C LYS C 91 -8.71 12.44 -6.20
N LYS C 92 -8.04 13.48 -6.82
CA LYS C 92 -7.39 14.53 -5.99
C LYS C 92 -7.95 15.90 -6.46
N VAL C 93 -8.40 16.71 -5.48
CA VAL C 93 -8.94 17.98 -5.80
C VAL C 93 -8.26 18.95 -4.86
N GLN C 94 -7.66 19.98 -5.45
CA GLN C 94 -6.78 20.91 -4.70
C GLN C 94 -7.50 22.28 -4.59
N MET C 95 -7.41 22.86 -3.40
CA MET C 95 -7.90 24.23 -3.18
C MET C 95 -6.77 25.13 -3.67
N ILE C 96 -7.04 25.96 -4.68
CA ILE C 96 -6.01 26.63 -5.38
C ILE C 96 -6.04 28.14 -5.15
N GLU C 97 -7.15 28.71 -4.67
CA GLU C 97 -7.19 30.17 -4.42
C GLU C 97 -8.31 30.38 -3.43
N GLY C 98 -8.10 31.32 -2.52
CA GLY C 98 -9.21 31.72 -1.65
C GLY C 98 -9.31 30.65 -0.50
N GLY C 99 -10.47 30.58 0.14
CA GLY C 99 -10.64 29.67 1.21
C GLY C 99 -9.61 29.76 2.35
N TYR C 100 -9.15 28.55 2.73
CA TYR C 100 -8.17 28.47 3.78
C TYR C 100 -6.82 29.02 3.38
N LEU C 101 -6.60 29.34 2.09
CA LEU C 101 -5.33 29.82 1.63
C LEU C 101 -5.16 31.29 2.07
N ASP C 102 -6.30 31.87 2.51
CA ASP C 102 -6.30 33.28 3.08
C ASP C 102 -6.33 33.29 4.59
N LEU C 103 -6.00 32.15 5.17
CA LEU C 103 -5.95 31.92 6.58
C LEU C 103 -4.73 31.14 6.97
N GLY C 104 -3.60 31.46 6.32
CA GLY C 104 -2.36 30.85 6.75
C GLY C 104 -2.06 29.46 6.31
N VAL C 105 -2.88 28.92 5.43
CA VAL C 105 -2.66 27.59 4.86
C VAL C 105 -1.96 27.73 3.50
N THR C 106 -0.90 26.97 3.25
CA THR C 106 -0.13 27.04 2.02
C THR C 106 -0.39 25.99 1.03
N TYR C 107 -1.13 24.97 1.43
CA TYR C 107 -1.39 23.81 0.58
C TYR C 107 -2.62 23.11 1.21
N TYR C 108 -3.57 22.78 0.38
CA TYR C 108 -4.83 22.11 0.81
C TYR C 108 -5.28 21.13 -0.35
N MET C 109 -5.34 19.83 0.01
CA MET C 109 -5.60 18.79 -1.00
C MET C 109 -6.60 17.75 -0.42
N ASP C 110 -7.67 17.54 -1.18
CA ASP C 110 -8.68 16.46 -0.82
C ASP C 110 -8.36 15.31 -1.67
N THR C 111 -8.56 14.03 -1.05
CA THR C 111 -8.26 12.89 -1.80
C THR C 111 -9.52 11.94 -1.55
N ILE C 112 -10.01 11.38 -2.63
CA ILE C 112 -11.10 10.39 -2.48
C ILE C 112 -10.64 9.09 -3.13
N HIS C 113 -10.86 7.92 -2.42
CA HIS C 113 -10.31 6.70 -2.95
C HIS C 113 -11.51 5.69 -2.62
N VAL C 114 -11.95 4.89 -3.55
CA VAL C 114 -13.03 3.96 -3.40
C VAL C 114 -12.42 2.58 -3.51
N VAL C 115 -12.70 1.77 -2.49
CA VAL C 115 -12.04 0.37 -2.38
C VAL C 115 -13.19 -0.66 -2.25
N PRO C 116 -13.18 -1.67 -3.11
CA PRO C 116 -14.15 -2.80 -2.95
C PRO C 116 -14.01 -3.53 -1.66
N THR C 117 -15.12 -3.90 -1.04
CA THR C 117 -15.14 -4.87 0.07
C THR C 117 -15.87 -6.17 -0.31
N GLY C 118 -16.66 -6.20 -1.38
CA GLY C 118 -17.31 -7.40 -1.89
C GLY C 118 -17.90 -7.04 -3.25
N LYS C 119 -18.57 -7.98 -3.91
CA LYS C 119 -19.12 -7.80 -5.22
C LYS C 119 -20.02 -6.49 -5.29
N ASP C 120 -20.78 -6.25 -4.26
CA ASP C 120 -21.84 -5.28 -4.27
C ASP C 120 -21.57 -4.28 -3.08
N SER C 121 -20.34 -4.14 -2.65
CA SER C 121 -19.98 -3.38 -1.47
C SER C 121 -18.64 -2.69 -1.60
N CYS C 122 -18.51 -1.48 -0.97
CA CYS C 122 -17.26 -0.76 -1.04
C CYS C 122 -17.12 0.16 0.20
N VAL C 123 -15.99 0.87 0.20
CA VAL C 123 -15.74 1.90 1.18
C VAL C 123 -15.19 3.10 0.47
N ILE C 124 -15.79 4.23 0.77
CA ILE C 124 -15.20 5.52 0.28
C ILE C 124 -14.31 6.05 1.36
N LYS C 125 -13.06 6.20 1.03
CA LYS C 125 -12.03 6.71 1.95
C LYS C 125 -11.65 8.16 1.44
N SER C 126 -12.09 9.11 2.22
CA SER C 126 -11.87 10.55 1.92
C SER C 126 -10.82 11.09 2.92
N SER C 127 -9.92 12.02 2.45
CA SER C 127 -9.10 12.63 3.45
C SER C 127 -8.68 14.06 2.88
N THR C 128 -8.28 14.84 3.83
CA THR C 128 -7.82 16.25 3.60
C THR C 128 -6.47 16.40 4.19
N GLU C 129 -5.51 16.85 3.38
CA GLU C 129 -4.16 17.17 3.84
C GLU C 129 -3.96 18.73 3.69
N TYR C 130 -3.57 19.40 4.77
CA TYR C 130 -3.12 20.79 4.63
C TYR C 130 -1.86 21.11 5.35
N HIS C 131 -1.21 22.19 4.89
CA HIS C 131 0.05 22.66 5.46
C HIS C 131 -0.19 24.12 5.85
N VAL C 132 0.04 24.42 7.11
CA VAL C 132 -0.43 25.61 7.79
C VAL C 132 0.82 26.30 8.50
N LYS C 133 0.86 27.57 8.46
CA LYS C 133 1.96 28.34 9.13
C LYS C 133 1.76 28.18 10.62
N PRO C 134 2.81 27.94 11.38
CA PRO C 134 2.56 27.53 12.80
C PRO C 134 1.76 28.45 13.64
N GLU C 135 1.87 29.79 13.48
CA GLU C 135 1.05 30.72 14.30
C GLU C 135 -0.48 30.68 13.99
N PHE C 136 -0.85 30.00 12.88
CA PHE C 136 -2.25 29.82 12.50
C PHE C 136 -2.87 28.50 12.92
N VAL C 137 -2.13 27.58 13.50
CA VAL C 137 -2.63 26.23 13.77
C VAL C 137 -3.92 26.20 14.63
N LYS C 138 -3.92 27.01 15.70
CA LYS C 138 -5.04 27.03 16.67
C LYS C 138 -6.28 27.69 16.03
N ILE C 139 -6.07 28.56 15.08
CA ILE C 139 -7.15 29.26 14.42
C ILE C 139 -7.79 28.29 13.40
N VAL C 140 -6.99 27.55 12.66
CA VAL C 140 -7.48 26.86 11.48
C VAL C 140 -7.99 25.39 11.89
N GLU C 141 -7.38 24.81 12.90
CA GLU C 141 -7.64 23.42 13.26
C GLU C 141 -9.12 23.13 13.46
N PRO C 142 -9.84 23.98 14.21
CA PRO C 142 -11.23 23.60 14.36
C PRO C 142 -12.13 23.89 13.17
N LEU C 143 -11.65 24.68 12.22
CA LEU C 143 -12.37 25.03 11.06
C LEU C 143 -12.26 23.98 9.96
N ILE C 144 -11.13 23.30 9.86
CA ILE C 144 -10.92 22.35 8.77
C ILE C 144 -11.40 20.97 9.26
N THR C 145 -12.50 20.48 8.72
CA THR C 145 -13.04 19.14 9.15
C THR C 145 -13.31 18.38 7.86
N THR C 146 -13.71 17.12 8.11
CA THR C 146 -14.10 16.24 6.97
C THR C 146 -15.56 16.44 6.53
N GLY C 147 -16.29 17.35 7.21
CA GLY C 147 -17.69 17.74 6.89
C GLY C 147 -17.99 17.75 5.41
N PRO C 148 -17.25 18.48 4.63
CA PRO C 148 -17.55 18.56 3.23
C PRO C 148 -17.38 17.18 2.42
N LEU C 149 -16.31 16.47 2.72
CA LEU C 149 -16.08 15.17 2.06
C LEU C 149 -17.12 14.11 2.57
N ALA C 150 -17.45 14.12 3.85
CA ALA C 150 -18.52 13.31 4.38
C ALA C 150 -19.82 13.64 3.75
N ALA C 151 -20.14 14.90 3.54
CA ALA C 151 -21.40 15.28 2.94
C ALA C 151 -21.47 14.77 1.51
N MET C 152 -20.38 14.86 0.79
CA MET C 152 -20.39 14.39 -0.60
C MET C 152 -20.54 12.80 -0.60
N ALA C 153 -19.84 12.15 0.27
CA ALA C 153 -19.91 10.62 0.34
C ALA C 153 -21.33 10.20 0.68
N ASP C 154 -21.91 10.82 1.67
CA ASP C 154 -23.28 10.54 2.03
C ASP C 154 -24.27 10.74 0.88
N ALA C 155 -24.12 11.87 0.14
CA ALA C 155 -25.03 12.06 -0.92
C ALA C 155 -24.86 11.18 -2.12
N ILE C 156 -23.63 10.80 -2.42
CA ILE C 156 -23.31 9.95 -3.56
C ILE C 156 -23.83 8.56 -3.21
N SER C 157 -23.58 8.08 -2.01
CA SER C 157 -24.13 6.80 -1.55
CA SER C 157 -24.05 6.78 -1.62
C SER C 157 -25.59 6.69 -1.76
N LYS C 158 -26.29 7.68 -1.25
CA LYS C 158 -27.72 7.73 -1.30
CA LYS C 158 -27.69 7.70 -1.23
C LYS C 158 -28.20 7.83 -2.71
N LEU C 159 -27.51 8.57 -3.58
CA LEU C 159 -27.89 8.68 -4.93
C LEU C 159 -27.80 7.32 -5.64
N VAL C 160 -26.74 6.57 -5.40
CA VAL C 160 -26.56 5.24 -6.02
C VAL C 160 -27.59 4.21 -5.46
N LEU C 161 -27.84 4.27 -4.17
CA LEU C 161 -28.74 3.29 -3.53
C LEU C 161 -30.19 3.57 -3.79
N GLU C 162 -30.56 4.78 -4.21
CA GLU C 162 -31.86 5.12 -4.63
C GLU C 162 -32.31 4.67 -6.03
N HIS C 163 -31.39 4.52 -6.94
CA HIS C 163 -31.59 4.15 -8.35
C HIS C 163 -32.55 4.89 -9.19
N LYS C 164 -32.59 6.20 -9.22
CA LYS C 164 -33.51 6.95 -10.19
C LYS C 164 -33.08 7.25 -11.67
#